data_6WYU
#
_entry.id   6WYU
#
_cell.length_a   48.258
_cell.length_b   79.753
_cell.length_c   50.785
_cell.angle_alpha   90.00
_cell.angle_beta   105.06
_cell.angle_gamma   90.00
#
_symmetry.space_group_name_H-M   'P 1 21 1'
#
loop_
_entity.id
_entity.type
_entity.pdbx_description
1 polymer 'Soluble cytochrome b562'
2 non-polymer 'HEME C'
3 non-polymer (4S)-2-METHYL-2,4-PENTANEDIOL
4 non-polymer 'SULFATE ION'
5 water water
#
_entity_poly.entity_id   1
_entity_poly.type   'polypeptide(L)'
_entity_poly.pdbx_seq_one_letter_code
;ADLEDNMETLNDNLKVIEKADNAAQVKDALTKMRAAALDAKKATPPKLEDKSPASPEMIDFRVGFDILLWQIHDALHLAN
EGKVKEAQAAAEQLKTTCNACHQKYR
;
_entity_poly.pdbx_strand_id   A,B,C
#
loop_
_chem_comp.id
_chem_comp.type
_chem_comp.name
_chem_comp.formula
HEC non-polymer 'HEME C' 'C34 H34 Fe N4 O4'
MPD non-polymer (4S)-2-METHYL-2,4-PENTANEDIOL 'C6 H14 O2'
SO4 non-polymer 'SULFATE ION' 'O4 S -2'
#
# COMPACT_ATOMS: atom_id res chain seq x y z
N ALA A 1 1.09 -10.27 -16.36
CA ALA A 1 0.82 -11.70 -16.41
C ALA A 1 -0.64 -11.93 -16.12
N ASP A 2 -1.20 -13.07 -16.49
CA ASP A 2 -2.61 -13.27 -16.18
C ASP A 2 -2.76 -13.79 -14.75
N LEU A 3 -4.00 -13.82 -14.28
CA LEU A 3 -4.28 -14.16 -12.89
C LEU A 3 -3.70 -15.53 -12.54
N GLU A 4 -3.93 -16.53 -13.40
CA GLU A 4 -3.44 -17.87 -13.09
C GLU A 4 -1.93 -17.92 -12.96
N ASP A 5 -1.21 -17.17 -13.81
CA ASP A 5 0.25 -17.14 -13.68
C ASP A 5 0.68 -16.45 -12.40
N ASN A 6 -0.03 -15.39 -11.99
CA ASN A 6 0.33 -14.73 -10.76
C ASN A 6 0.04 -15.62 -9.55
N MET A 7 -1.05 -16.38 -9.60
CA MET A 7 -1.38 -17.31 -8.52
C MET A 7 -0.33 -18.42 -8.42
N GLU A 8 0.18 -18.88 -9.56
CA GLU A 8 1.27 -19.85 -9.55
C GLU A 8 2.51 -19.26 -8.86
N THR A 9 2.87 -18.02 -9.21
CA THR A 9 3.99 -17.36 -8.57
C THR A 9 3.80 -17.28 -7.07
N LEU A 10 2.61 -16.87 -6.63
CA LEU A 10 2.37 -16.79 -5.18
C LEU A 10 2.54 -18.16 -4.52
N ASN A 11 1.94 -19.20 -5.11
CA ASN A 11 1.96 -20.51 -4.49
C ASN A 11 3.36 -21.11 -4.50
N ASP A 12 4.07 -20.99 -5.62
CA ASP A 12 5.43 -21.54 -5.71
C ASP A 12 6.36 -20.89 -4.69
N ASN A 13 6.27 -19.58 -4.53
CA ASN A 13 7.18 -18.86 -3.65
C ASN A 13 6.83 -19.05 -2.18
N LEU A 14 5.55 -19.24 -1.87
CA LEU A 14 5.19 -19.67 -0.52
C LEU A 14 5.85 -21.00 -0.18
N LYS A 15 5.87 -21.95 -1.13
CA LYS A 15 6.54 -23.23 -0.88
C LYS A 15 8.01 -23.02 -0.59
N VAL A 16 8.66 -22.08 -1.30
CA VAL A 16 10.06 -21.78 -1.04
C VAL A 16 10.25 -21.27 0.38
N ILE A 17 9.37 -20.36 0.82
CA ILE A 17 9.48 -19.81 2.17
C ILE A 17 9.30 -20.91 3.21
N GLU A 18 8.38 -21.84 2.95
CA GLU A 18 8.12 -22.92 3.90
C GLU A 18 9.33 -23.84 4.07
N LYS A 19 10.17 -23.97 3.04
CA LYS A 19 11.33 -24.85 3.12
C LYS A 19 12.65 -24.08 3.28
N ALA A 20 12.60 -22.76 3.46
CA ALA A 20 13.82 -21.95 3.48
C ALA A 20 14.69 -22.25 4.70
N ASP A 21 16.00 -22.01 4.55
CA ASP A 21 16.97 -22.12 5.64
C ASP A 21 17.45 -20.78 6.17
N ASN A 22 17.34 -19.73 5.39
CA ASN A 22 18.00 -18.49 5.74
C ASN A 22 17.12 -17.35 5.30
N ALA A 23 17.43 -16.17 5.83
CA ALA A 23 16.60 -15.00 5.58
C ALA A 23 16.69 -14.56 4.12
N ALA A 24 17.85 -14.76 3.48
CA ALA A 24 17.99 -14.32 2.11
C ALA A 24 17.02 -15.05 1.19
N GLN A 25 16.84 -16.35 1.41
CA GLN A 25 15.88 -17.12 0.61
C GLN A 25 14.45 -16.62 0.83
N VAL A 26 14.10 -16.35 2.10
CA VAL A 26 12.76 -15.88 2.42
C VAL A 26 12.51 -14.52 1.79
N LYS A 27 13.46 -13.60 1.93
CA LYS A 27 13.28 -12.27 1.37
C LYS A 27 13.14 -12.33 -0.15
N ASP A 28 13.88 -13.21 -0.82
CA ASP A 28 13.77 -13.31 -2.26
C ASP A 28 12.40 -13.83 -2.69
N ALA A 29 11.89 -14.87 -2.01
CA ALA A 29 10.56 -15.38 -2.34
C ALA A 29 9.48 -14.33 -2.07
N LEU A 30 9.62 -13.58 -0.98
CA LEU A 30 8.60 -12.59 -0.63
C LEU A 30 8.55 -11.44 -1.62
N THR A 31 9.70 -11.05 -2.19
CA THR A 31 9.67 -9.97 -3.18
C THR A 31 9.00 -10.42 -4.47
N LYS A 32 9.20 -11.68 -4.86
CA LYS A 32 8.47 -12.20 -6.01
C LYS A 32 6.97 -12.26 -5.74
N MET A 33 6.58 -12.66 -4.52
CA MET A 33 5.16 -12.65 -4.18
C MET A 33 4.57 -11.24 -4.23
N ARG A 34 5.32 -10.26 -3.75
CA ARG A 34 4.83 -8.89 -3.79
C ARG A 34 4.57 -8.44 -5.21
N ALA A 35 5.47 -8.77 -6.14
CA ALA A 35 5.27 -8.37 -7.53
C ALA A 35 4.04 -9.06 -8.13
N ALA A 36 3.82 -10.33 -7.79
CA ALA A 36 2.67 -11.04 -8.33
C ALA A 36 1.36 -10.50 -7.76
N ALA A 37 1.34 -10.16 -6.47
CA ALA A 37 0.12 -9.60 -5.89
C ALA A 37 -0.24 -8.27 -6.51
N LEU A 38 0.75 -7.39 -6.71
CA LEU A 38 0.45 -6.14 -7.39
C LEU A 38 -0.08 -6.40 -8.79
N ASP A 39 0.52 -7.35 -9.52
CA ASP A 39 0.08 -7.61 -10.88
C ASP A 39 -1.33 -8.22 -10.90
N ALA A 40 -1.64 -9.11 -9.95
CA ALA A 40 -2.98 -9.68 -9.89
C ALA A 40 -4.06 -8.63 -9.67
N LYS A 41 -3.71 -7.47 -9.12
CA LYS A 41 -4.70 -6.45 -8.84
C LYS A 41 -5.41 -5.95 -10.09
N LYS A 42 -4.79 -6.09 -11.27
CA LYS A 42 -5.43 -5.61 -12.47
CA LYS A 42 -5.39 -5.63 -12.50
C LYS A 42 -6.31 -6.65 -13.14
N ALA A 43 -6.38 -7.85 -12.57
CA ALA A 43 -7.13 -8.93 -13.18
C ALA A 43 -8.62 -8.84 -12.87
N THR A 44 -9.41 -9.49 -13.72
CA THR A 44 -10.80 -9.77 -13.40
C THR A 44 -10.95 -11.28 -13.26
N PRO A 45 -11.30 -11.80 -12.08
CA PRO A 45 -11.50 -13.24 -11.94
C PRO A 45 -12.70 -13.68 -12.77
N PRO A 46 -12.63 -14.89 -13.34
CA PRO A 46 -13.78 -15.38 -14.14
C PRO A 46 -15.12 -15.25 -13.43
N LYS A 47 -15.18 -15.51 -12.14
CA LYS A 47 -16.45 -15.45 -11.42
C LYS A 47 -17.04 -14.04 -11.38
N LEU A 48 -16.22 -12.99 -11.57
CA LEU A 48 -16.69 -11.61 -11.50
C LEU A 48 -16.76 -10.95 -12.87
N GLU A 49 -16.63 -11.73 -13.95
CA GLU A 49 -16.69 -11.14 -15.27
C GLU A 49 -18.05 -10.54 -15.57
N ASP A 50 -19.09 -10.92 -14.82
CA ASP A 50 -20.42 -10.36 -15.01
C ASP A 50 -20.71 -9.20 -14.06
N LYS A 51 -19.69 -8.64 -13.43
CA LYS A 51 -19.85 -7.54 -12.49
C LYS A 51 -19.19 -6.28 -13.06
N SER A 52 -19.66 -5.13 -12.57
CA SER A 52 -18.95 -3.88 -12.87
C SER A 52 -17.52 -3.97 -12.35
N PRO A 53 -16.56 -3.36 -13.06
CA PRO A 53 -15.19 -3.28 -12.53
C PRO A 53 -15.09 -2.44 -11.27
N ALA A 54 -16.11 -1.63 -10.96
CA ALA A 54 -16.18 -0.89 -9.71
C ALA A 54 -17.19 -1.48 -8.74
N SER A 55 -17.70 -2.68 -9.01
CA SER A 55 -18.70 -3.26 -8.13
C SER A 55 -18.08 -3.57 -6.77
N PRO A 56 -18.89 -3.60 -5.71
CA PRO A 56 -18.36 -3.97 -4.39
C PRO A 56 -17.53 -5.23 -4.43
N GLU A 57 -17.93 -6.22 -5.24
CA GLU A 57 -17.15 -7.46 -5.32
C GLU A 57 -15.77 -7.22 -5.90
N MET A 58 -15.69 -6.41 -6.95
CA MET A 58 -14.37 -6.19 -7.55
C MET A 58 -13.50 -5.31 -6.66
N ILE A 59 -14.10 -4.37 -5.93
CA ILE A 59 -13.33 -3.62 -4.94
C ILE A 59 -12.79 -4.56 -3.86
N ASP A 60 -13.67 -5.42 -3.31
CA ASP A 60 -13.26 -6.43 -2.34
C ASP A 60 -12.10 -7.26 -2.86
N PHE A 61 -12.18 -7.69 -4.13
CA PHE A 61 -11.10 -8.43 -4.76
C PHE A 61 -9.80 -7.63 -4.76
N ARG A 62 -9.84 -6.40 -5.25
CA ARG A 62 -8.61 -5.61 -5.33
C ARG A 62 -8.05 -5.31 -3.94
N VAL A 63 -8.92 -5.05 -2.96
CA VAL A 63 -8.44 -4.77 -1.59
C VAL A 63 -7.86 -6.03 -0.95
N GLY A 64 -8.34 -7.21 -1.34
CA GLY A 64 -7.73 -8.42 -0.83
C GLY A 64 -6.25 -8.49 -1.14
N PHE A 65 -5.85 -7.95 -2.30
CA PHE A 65 -4.42 -7.94 -2.58
C PHE A 65 -3.69 -6.90 -1.76
N ASP A 66 -4.37 -5.79 -1.42
CA ASP A 66 -3.74 -4.83 -0.49
C ASP A 66 -3.49 -5.48 0.86
N ILE A 67 -4.45 -6.27 1.35
CA ILE A 67 -4.24 -6.99 2.60
C ILE A 67 -3.05 -7.92 2.48
N LEU A 68 -3.02 -8.73 1.42
CA LEU A 68 -1.88 -9.62 1.20
C LEU A 68 -0.56 -8.85 1.18
N LEU A 69 -0.56 -7.67 0.54
CA LEU A 69 0.68 -6.92 0.38
C LEU A 69 1.21 -6.43 1.72
N TRP A 70 0.31 -5.98 2.61
CA TRP A 70 0.77 -5.59 3.94
C TRP A 70 1.20 -6.79 4.76
N GLN A 71 0.58 -7.96 4.57
CA GLN A 71 1.09 -9.15 5.25
C GLN A 71 2.43 -9.57 4.68
N ILE A 72 2.63 -9.42 3.36
CA ILE A 72 3.93 -9.69 2.78
C ILE A 72 4.96 -8.72 3.35
N HIS A 73 4.56 -7.47 3.52
CA HIS A 73 5.41 -6.46 4.15
C HIS A 73 5.89 -6.93 5.53
N ASP A 74 4.97 -7.45 6.35
CA ASP A 74 5.37 -7.86 7.70
C ASP A 74 6.43 -8.95 7.65
N ALA A 75 6.21 -9.96 6.80
CA ALA A 75 7.15 -11.08 6.70
C ALA A 75 8.49 -10.60 6.15
N LEU A 76 8.47 -9.64 5.23
CA LEU A 76 9.71 -9.12 4.66
C LEU A 76 10.56 -8.44 5.73
N HIS A 77 9.94 -7.59 6.55
CA HIS A 77 10.71 -6.93 7.60
C HIS A 77 11.16 -7.91 8.67
N LEU A 78 10.35 -8.92 8.99
CA LEU A 78 10.80 -9.91 9.96
C LEU A 78 12.03 -10.66 9.45
N ALA A 79 12.01 -11.06 8.17
CA ALA A 79 13.18 -11.68 7.58
C ALA A 79 14.37 -10.72 7.57
N ASN A 80 14.10 -9.44 7.26
CA ASN A 80 15.18 -8.46 7.24
C ASN A 80 15.85 -8.31 8.61
N GLU A 81 15.09 -8.51 9.69
CA GLU A 81 15.62 -8.47 11.04
C GLU A 81 16.29 -9.76 11.44
N GLY A 82 16.32 -10.75 10.55
CA GLY A 82 16.91 -12.04 10.86
C GLY A 82 15.98 -13.00 11.57
N LYS A 83 14.70 -12.66 11.71
CA LYS A 83 13.74 -13.51 12.40
C LYS A 83 13.11 -14.46 11.39
N VAL A 84 13.89 -15.49 11.02
CA VAL A 84 13.49 -16.36 9.92
C VAL A 84 12.24 -17.16 10.28
N LYS A 85 12.23 -17.75 11.47
CA LYS A 85 11.07 -18.54 11.88
C LYS A 85 9.84 -17.66 12.07
N GLU A 86 10.01 -16.46 12.61
CA GLU A 86 8.88 -15.52 12.71
C GLU A 86 8.38 -15.10 11.34
N ALA A 87 9.30 -14.89 10.38
CA ALA A 87 8.88 -14.59 9.01
C ALA A 87 8.08 -15.74 8.41
N GLN A 88 8.54 -16.98 8.63
CA GLN A 88 7.82 -18.13 8.11
C GLN A 88 6.44 -18.24 8.76
N ALA A 89 6.37 -17.92 10.06
CA ALA A 89 5.08 -17.92 10.73
C ALA A 89 4.15 -16.86 10.12
N ALA A 90 4.72 -15.71 9.79
CA ALA A 90 3.91 -14.66 9.17
C ALA A 90 3.46 -15.09 7.77
N ALA A 91 4.29 -15.81 7.03
CA ALA A 91 3.87 -16.32 5.74
C ALA A 91 2.77 -17.35 5.90
N GLU A 92 2.85 -18.20 6.93
CA GLU A 92 1.75 -19.12 7.21
C GLU A 92 0.45 -18.35 7.44
N GLN A 93 0.52 -17.24 8.17
CA GLN A 93 -0.69 -16.45 8.43
C GLN A 93 -1.32 -15.94 7.14
N LEU A 94 -0.51 -15.48 6.20
CA LEU A 94 -0.91 -15.03 4.88
C LEU A 94 -1.94 -15.94 4.25
N LYS A 95 -1.80 -17.25 4.48
CA LYS A 95 -2.65 -18.22 3.79
C LYS A 95 -4.13 -18.00 4.07
N THR A 96 -4.47 -17.47 5.24
CA THR A 96 -5.88 -17.22 5.54
C THR A 96 -6.48 -16.21 4.55
N THR A 97 -5.70 -15.20 4.16
CA THR A 97 -6.14 -14.26 3.14
C THR A 97 -6.33 -14.97 1.79
N CYS A 98 -5.35 -15.79 1.39
CA CYS A 98 -5.51 -16.51 0.12
C CYS A 98 -6.79 -17.32 0.12
N ASN A 99 -7.03 -18.11 1.18
CA ASN A 99 -8.19 -18.99 1.17
C ASN A 99 -9.51 -18.21 1.24
N ALA A 100 -9.52 -17.09 1.98
CA ALA A 100 -10.75 -16.29 2.07
C ALA A 100 -11.11 -15.68 0.73
N CYS A 101 -10.12 -15.26 -0.06
CA CYS A 101 -10.42 -14.79 -1.40
C CYS A 101 -10.95 -15.92 -2.28
N HIS A 102 -10.29 -17.08 -2.22
CA HIS A 102 -10.76 -18.20 -3.03
C HIS A 102 -12.18 -18.61 -2.68
N GLN A 103 -12.52 -18.61 -1.39
CA GLN A 103 -13.87 -18.99 -1.00
C GLN A 103 -14.90 -18.07 -1.62
N LYS A 104 -14.59 -16.77 -1.72
CA LYS A 104 -15.53 -15.80 -2.30
C LYS A 104 -15.51 -15.77 -3.81
N TYR A 105 -14.34 -15.86 -4.44
CA TYR A 105 -14.21 -15.41 -5.83
C TYR A 105 -13.64 -16.44 -6.80
N ARG A 106 -13.32 -17.65 -6.35
CA ARG A 106 -13.00 -18.73 -7.27
C ARG A 106 -14.27 -19.53 -7.53
N ALA B 1 -16.36 -6.19 8.44
CA ALA B 1 -17.16 -5.33 9.32
C ALA B 1 -17.66 -4.10 8.58
N ASP B 2 -18.69 -3.43 9.09
CA ASP B 2 -19.19 -2.30 8.33
C ASP B 2 -18.38 -1.05 8.63
N LEU B 3 -18.67 0.02 7.88
CA LEU B 3 -17.82 1.20 7.94
C LEU B 3 -17.87 1.86 9.31
N GLU B 4 -19.06 1.96 9.91
CA GLU B 4 -19.14 2.57 11.23
C GLU B 4 -18.31 1.80 12.25
N ASP B 5 -18.34 0.46 12.18
CA ASP B 5 -17.57 -0.35 13.12
C ASP B 5 -16.07 -0.20 12.91
N ASN B 6 -15.64 -0.09 11.64
CA ASN B 6 -14.22 0.13 11.39
C ASN B 6 -13.79 1.50 11.89
N MET B 7 -14.66 2.51 11.75
CA MET B 7 -14.31 3.83 12.26
C MET B 7 -14.27 3.84 13.78
N GLU B 8 -15.14 3.07 14.43
CA GLU B 8 -15.04 2.88 15.87
C GLU B 8 -13.66 2.34 16.26
N THR B 9 -13.19 1.33 15.52
CA THR B 9 -11.89 0.73 15.79
C THR B 9 -10.77 1.74 15.62
N LEU B 10 -10.85 2.55 14.57
CA LEU B 10 -9.82 3.56 14.36
C LEU B 10 -9.80 4.58 15.49
N ASN B 11 -10.98 5.09 15.85
CA ASN B 11 -11.03 6.09 16.92
C ASN B 11 -10.60 5.50 18.27
N ASP B 12 -11.08 4.29 18.60
CA ASP B 12 -10.71 3.70 19.88
C ASP B 12 -9.20 3.50 19.99
N ASN B 13 -8.56 3.01 18.94
CA ASN B 13 -7.15 2.69 19.04
C ASN B 13 -6.27 3.92 18.93
N LEU B 14 -6.74 4.98 18.26
CA LEU B 14 -6.02 6.24 18.33
C LEU B 14 -5.96 6.74 19.77
N LYS B 15 -7.04 6.53 20.55
CA LYS B 15 -7.02 6.95 21.95
C LYS B 15 -6.10 6.05 22.76
N VAL B 16 -6.08 4.75 22.47
CA VAL B 16 -5.12 3.86 23.15
C VAL B 16 -3.70 4.34 22.91
N ILE B 17 -3.36 4.69 21.67
CA ILE B 17 -2.01 5.11 21.36
C ILE B 17 -1.64 6.38 22.13
N GLU B 18 -2.58 7.34 22.18
CA GLU B 18 -2.34 8.59 22.89
C GLU B 18 -2.02 8.37 24.37
N LYS B 19 -2.61 7.35 24.98
CA LYS B 19 -2.41 7.11 26.40
C LYS B 19 -1.41 5.99 26.68
N ALA B 20 -0.77 5.43 25.65
CA ALA B 20 0.10 4.28 25.87
C ALA B 20 1.37 4.67 26.64
N ASP B 21 1.89 3.69 27.38
CA ASP B 21 3.17 3.83 28.06
C ASP B 21 4.32 3.14 27.37
N ASN B 22 4.06 2.12 26.54
CA ASN B 22 5.18 1.37 26.00
C ASN B 22 4.93 1.02 24.53
N ALA B 23 6.02 0.65 23.85
CA ALA B 23 5.99 0.46 22.41
C ALA B 23 5.08 -0.69 22.01
N ALA B 24 5.02 -1.76 22.81
CA ALA B 24 4.19 -2.90 22.44
C ALA B 24 2.71 -2.52 22.39
N GLN B 25 2.27 -1.66 23.30
CA GLN B 25 0.89 -1.18 23.26
C GLN B 25 0.63 -0.38 21.99
N VAL B 26 1.53 0.53 21.65
CA VAL B 26 1.37 1.35 20.45
C VAL B 26 1.33 0.45 19.20
N LYS B 27 2.25 -0.51 19.13
CA LYS B 27 2.31 -1.38 17.96
C LYS B 27 1.04 -2.21 17.84
N ASP B 28 0.53 -2.73 18.96
CA ASP B 28 -0.71 -3.51 18.91
C ASP B 28 -1.87 -2.67 18.40
N ALA B 29 -1.99 -1.44 18.92
CA ALA B 29 -3.10 -0.59 18.50
C ALA B 29 -2.98 -0.21 17.04
N LEU B 30 -1.76 0.06 16.58
CA LEU B 30 -1.57 0.42 15.18
C LEU B 30 -1.90 -0.75 14.26
N THR B 31 -1.57 -1.97 14.68
CA THR B 31 -1.91 -3.14 13.88
C THR B 31 -3.43 -3.26 13.73
N LYS B 32 -4.18 -2.98 14.79
CA LYS B 32 -5.64 -3.02 14.69
C LYS B 32 -6.16 -1.90 13.79
N MET B 33 -5.52 -0.73 13.79
CA MET B 33 -5.96 0.36 12.91
C MET B 33 -5.70 0.03 11.45
N ARG B 34 -4.54 -0.57 11.18
CA ARG B 34 -4.23 -0.99 9.83
C ARG B 34 -5.31 -1.94 9.32
N ALA B 35 -5.73 -2.89 10.16
CA ALA B 35 -6.74 -3.85 9.72
C ALA B 35 -8.07 -3.15 9.46
N ALA B 36 -8.43 -2.18 10.31
CA ALA B 36 -9.70 -1.49 10.15
C ALA B 36 -9.69 -0.60 8.91
N ALA B 37 -8.55 0.05 8.64
CA ALA B 37 -8.46 0.91 7.45
C ALA B 37 -8.59 0.09 6.17
N LEU B 38 -7.95 -1.09 6.12
CA LEU B 38 -8.12 -1.95 4.95
C LEU B 38 -9.56 -2.43 4.81
N ASP B 39 -10.18 -2.81 5.93
CA ASP B 39 -11.56 -3.27 5.81
C ASP B 39 -12.48 -2.14 5.42
N ALA B 40 -12.17 -0.92 5.85
CA ALA B 40 -12.99 0.25 5.51
C ALA B 40 -12.89 0.61 4.04
N LYS B 41 -11.73 0.35 3.44
CA LYS B 41 -11.47 0.72 2.07
C LYS B 41 -12.43 0.05 1.09
N LYS B 42 -13.02 -1.07 1.47
CA LYS B 42 -13.94 -1.78 0.59
C LYS B 42 -15.36 -1.24 0.68
N ALA B 43 -15.62 -0.31 1.59
CA ALA B 43 -16.99 0.14 1.82
C ALA B 43 -17.42 1.22 0.84
N THR B 44 -18.75 1.40 0.75
CA THR B 44 -19.35 2.54 0.09
C THR B 44 -19.92 3.45 1.17
N PRO B 45 -19.39 4.66 1.34
CA PRO B 45 -19.87 5.53 2.39
C PRO B 45 -21.27 6.04 2.06
N PRO B 46 -22.12 6.26 3.05
CA PRO B 46 -23.50 6.67 2.76
C PRO B 46 -23.59 7.87 1.83
N LYS B 47 -22.69 8.83 1.96
CA LYS B 47 -22.76 10.02 1.12
C LYS B 47 -22.61 9.70 -0.36
N LEU B 48 -21.96 8.59 -0.71
CA LEU B 48 -21.73 8.22 -2.10
C LEU B 48 -22.62 7.08 -2.55
N GLU B 49 -23.54 6.63 -1.71
CA GLU B 49 -24.41 5.51 -2.06
C GLU B 49 -25.22 5.81 -3.33
N ASP B 50 -25.67 7.04 -3.50
CA ASP B 50 -26.51 7.39 -4.64
C ASP B 50 -25.73 7.87 -5.86
N LYS B 51 -24.40 7.68 -5.87
CA LYS B 51 -23.56 8.02 -7.01
CA LYS B 51 -23.57 8.02 -7.02
C LYS B 51 -23.09 6.74 -7.69
N SER B 52 -22.50 6.90 -8.88
CA SER B 52 -22.01 5.73 -9.58
C SER B 52 -20.90 5.07 -8.76
N PRO B 53 -20.91 3.76 -8.63
CA PRO B 53 -19.74 3.08 -8.03
C PRO B 53 -18.45 3.39 -8.76
N ALA B 54 -18.54 3.71 -10.05
CA ALA B 54 -17.38 4.09 -10.86
C ALA B 54 -17.08 5.59 -10.78
N SER B 55 -17.53 6.27 -9.76
CA SER B 55 -17.31 7.71 -9.69
C SER B 55 -15.89 8.04 -9.26
N PRO B 56 -15.37 9.19 -9.69
CA PRO B 56 -14.09 9.69 -9.15
C PRO B 56 -14.08 9.75 -7.64
N GLU B 57 -15.24 10.05 -7.03
CA GLU B 57 -15.33 10.17 -5.59
C GLU B 57 -15.00 8.87 -4.89
N MET B 58 -15.50 7.75 -5.42
CA MET B 58 -15.19 6.46 -4.81
C MET B 58 -13.69 6.17 -4.88
N ILE B 59 -13.06 6.47 -6.01
CA ILE B 59 -11.62 6.25 -6.14
C ILE B 59 -10.87 7.12 -5.15
N ASP B 60 -11.31 8.37 -4.99
CA ASP B 60 -10.66 9.31 -4.07
C ASP B 60 -10.80 8.83 -2.62
N PHE B 61 -12.00 8.37 -2.27
CA PHE B 61 -12.26 7.77 -0.96
C PHE B 61 -11.24 6.68 -0.66
N ARG B 62 -11.02 5.77 -1.61
CA ARG B 62 -10.08 4.68 -1.38
C ARG B 62 -8.64 5.17 -1.29
N VAL B 63 -8.26 6.20 -2.06
CA VAL B 63 -6.91 6.73 -1.94
C VAL B 63 -6.70 7.31 -0.54
N GLY B 64 -7.74 7.87 0.08
CA GLY B 64 -7.59 8.36 1.44
C GLY B 64 -7.14 7.29 2.42
N PHE B 65 -7.64 6.05 2.26
CA PHE B 65 -7.18 4.98 3.13
C PHE B 65 -5.77 4.56 2.80
N ASP B 66 -5.36 4.65 1.54
CA ASP B 66 -3.97 4.39 1.18
C ASP B 66 -3.04 5.37 1.87
N ILE B 67 -3.43 6.66 1.92
CA ILE B 67 -2.63 7.63 2.65
C ILE B 67 -2.56 7.25 4.12
N LEU B 68 -3.72 6.95 4.71
CA LEU B 68 -3.76 6.56 6.11
C LEU B 68 -2.88 5.34 6.37
N LEU B 69 -2.95 4.35 5.47
CA LEU B 69 -2.14 3.13 5.65
C LEU B 69 -0.65 3.43 5.64
N TRP B 70 -0.18 4.33 4.77
CA TRP B 70 1.25 4.62 4.76
C TRP B 70 1.66 5.41 5.98
N GLN B 71 0.78 6.26 6.50
CA GLN B 71 1.07 6.94 7.77
C GLN B 71 1.12 5.95 8.93
N ILE B 72 0.19 4.98 8.94
CA ILE B 72 0.23 3.93 9.94
C ILE B 72 1.52 3.13 9.83
N HIS B 73 1.95 2.85 8.60
CA HIS B 73 3.24 2.19 8.38
C HIS B 73 4.38 2.92 9.11
N ASP B 74 4.49 4.24 8.91
CA ASP B 74 5.56 4.98 9.59
C ASP B 74 5.50 4.79 11.09
N ALA B 75 4.32 4.97 11.67
CA ALA B 75 4.18 4.86 13.12
C ALA B 75 4.48 3.44 13.60
N LEU B 76 4.07 2.43 12.83
CA LEU B 76 4.39 1.04 13.17
C LEU B 76 5.90 0.82 13.22
N HIS B 77 6.63 1.32 12.23
CA HIS B 77 8.07 1.07 12.27
C HIS B 77 8.73 1.83 13.41
N LEU B 78 8.22 3.02 13.75
CA LEU B 78 8.80 3.74 14.87
C LEU B 78 8.57 2.98 16.16
N ALA B 79 7.37 2.41 16.32
CA ALA B 79 7.07 1.63 17.51
C ALA B 79 7.92 0.35 17.53
N ASN B 80 8.13 -0.26 16.36
CA ASN B 80 8.97 -1.44 16.29
C ASN B 80 10.42 -1.14 16.70
N GLU B 81 10.88 0.08 16.45
CA GLU B 81 12.19 0.50 16.91
C GLU B 81 12.20 0.88 18.39
N GLY B 82 11.04 0.86 19.05
CA GLY B 82 10.93 1.19 20.45
C GLY B 82 10.84 2.67 20.76
N LYS B 83 10.60 3.50 19.75
CA LYS B 83 10.60 4.96 19.90
C LYS B 83 9.18 5.39 20.21
N VAL B 84 8.82 5.29 21.49
CA VAL B 84 7.42 5.42 21.86
C VAL B 84 6.91 6.82 21.52
N LYS B 85 7.61 7.87 21.96
CA LYS B 85 7.07 9.21 21.73
C LYS B 85 7.08 9.56 20.24
N GLU B 86 8.08 9.10 19.49
CA GLU B 86 8.06 9.37 18.06
C GLU B 86 6.91 8.65 17.38
N ALA B 87 6.61 7.42 17.81
CA ALA B 87 5.48 6.69 17.23
C ALA B 87 4.16 7.38 17.57
N GLN B 88 4.03 7.92 18.79
CA GLN B 88 2.83 8.67 19.16
C GLN B 88 2.71 9.93 18.33
N ALA B 89 3.84 10.59 18.04
CA ALA B 89 3.77 11.79 17.21
C ALA B 89 3.37 11.44 15.79
N ALA B 90 3.89 10.33 15.25
CA ALA B 90 3.47 9.88 13.93
C ALA B 90 1.98 9.55 13.92
N ALA B 91 1.47 8.94 14.99
CA ALA B 91 0.05 8.62 15.05
C ALA B 91 -0.80 9.89 15.13
N GLU B 92 -0.34 10.89 15.88
CA GLU B 92 -1.04 12.17 15.92
C GLU B 92 -1.21 12.76 14.52
N GLN B 93 -0.25 12.54 13.63
CA GLN B 93 -0.32 13.05 12.27
C GLN B 93 -1.43 12.40 11.44
N LEU B 94 -1.97 11.28 11.90
CA LEU B 94 -3.07 10.65 11.18
C LEU B 94 -4.29 11.55 11.14
N LYS B 95 -4.48 12.37 12.17
CA LYS B 95 -5.75 13.08 12.36
C LYS B 95 -6.07 14.00 11.19
N THR B 96 -5.05 14.60 10.57
CA THR B 96 -5.32 15.47 9.44
C THR B 96 -5.93 14.69 8.29
N THR B 97 -5.47 13.45 8.10
CA THR B 97 -6.04 12.58 7.08
C THR B 97 -7.45 12.16 7.44
N CYS B 98 -7.67 11.79 8.69
CA CYS B 98 -9.02 11.47 9.15
C CYS B 98 -9.97 12.62 8.84
N ASN B 99 -9.60 13.83 9.25
CA ASN B 99 -10.54 14.94 9.11
C ASN B 99 -10.72 15.33 7.65
N ALA B 100 -9.67 15.23 6.84
CA ALA B 100 -9.79 15.61 5.44
C ALA B 100 -10.76 14.70 4.70
N CYS B 101 -10.70 13.40 5.00
CA CYS B 101 -11.69 12.51 4.40
C CYS B 101 -13.09 12.82 4.91
N HIS B 102 -13.24 13.02 6.21
CA HIS B 102 -14.57 13.32 6.75
C HIS B 102 -15.17 14.53 6.08
N GLN B 103 -14.37 15.57 5.90
CA GLN B 103 -14.89 16.78 5.27
C GLN B 103 -15.48 16.48 3.90
N LYS B 104 -14.91 15.52 3.16
CA LYS B 104 -15.46 15.25 1.84
C LYS B 104 -16.56 14.19 1.84
N TYR B 105 -16.46 13.16 2.68
CA TYR B 105 -17.24 11.95 2.44
C TYR B 105 -18.09 11.46 3.61
N ARG B 106 -17.99 12.07 4.79
CA ARG B 106 -19.00 11.79 5.84
C ARG B 106 -20.35 12.41 5.48
N ALA C 1 -3.03 18.32 -5.08
CA ALA C 1 -2.35 18.94 -6.22
C ALA C 1 -2.77 18.25 -7.51
N ASP C 2 -2.53 18.88 -8.65
CA ASP C 2 -2.89 18.24 -9.90
C ASP C 2 -1.75 17.33 -10.38
N LEU C 3 -2.05 16.53 -11.40
CA LEU C 3 -1.14 15.47 -11.82
C LEU C 3 0.24 16.03 -12.22
N GLU C 4 0.26 17.10 -13.00
CA GLU C 4 1.54 17.63 -13.47
C GLU C 4 2.38 18.12 -12.30
N ASP C 5 1.75 18.70 -11.29
CA ASP C 5 2.48 19.16 -10.11
C ASP C 5 3.10 17.98 -9.36
N ASN C 6 2.33 16.90 -9.18
CA ASN C 6 2.89 15.75 -8.49
C ASN C 6 4.02 15.14 -9.29
N MET C 7 3.96 15.18 -10.61
CA MET C 7 5.06 14.64 -11.42
C MET C 7 6.31 15.49 -11.26
N GLU C 8 6.16 16.81 -11.17
CA GLU C 8 7.32 17.67 -10.92
C GLU C 8 7.94 17.34 -9.56
N THR C 9 7.10 17.16 -8.53
CA THR C 9 7.61 16.72 -7.24
C THR C 9 8.42 15.44 -7.36
N LEU C 10 7.90 14.46 -8.11
CA LEU C 10 8.64 13.21 -8.29
C LEU C 10 9.96 13.47 -9.00
N ASN C 11 9.95 14.28 -10.05
CA ASN C 11 11.17 14.49 -10.82
C ASN C 11 12.19 15.26 -10.00
N ASP C 12 11.76 16.31 -9.30
CA ASP C 12 12.69 17.13 -8.52
C ASP C 12 13.32 16.35 -7.38
N ASN C 13 12.53 15.52 -6.71
CA ASN C 13 13.05 14.81 -5.54
C ASN C 13 13.89 13.61 -5.92
N LEU C 14 13.68 13.03 -7.10
CA LEU C 14 14.61 12.02 -7.59
C LEU C 14 15.99 12.62 -7.79
N LYS C 15 16.02 13.88 -8.25
CA LYS C 15 17.30 14.50 -8.49
C LYS C 15 17.96 14.90 -7.17
N VAL C 16 17.17 15.34 -6.19
CA VAL C 16 17.69 15.57 -4.85
C VAL C 16 18.36 14.30 -4.32
N ILE C 17 17.73 13.15 -4.54
CA ILE C 17 18.27 11.90 -4.03
C ILE C 17 19.60 11.58 -4.69
N GLU C 18 19.67 11.75 -6.01
CA GLU C 18 20.91 11.44 -6.73
C GLU C 18 22.07 12.30 -6.24
N LYS C 19 21.79 13.51 -5.76
CA LYS C 19 22.81 14.43 -5.28
C LYS C 19 22.94 14.42 -3.77
N ALA C 20 22.20 13.56 -3.06
CA ALA C 20 22.13 13.67 -1.61
C ALA C 20 23.45 13.30 -0.96
N ASP C 21 23.72 13.90 0.20
CA ASP C 21 24.95 13.61 0.93
C ASP C 21 24.75 12.69 2.12
N ASN C 22 23.55 12.66 2.71
CA ASN C 22 23.32 11.89 3.92
C ASN C 22 21.93 11.25 3.86
N ALA C 23 21.68 10.34 4.81
CA ALA C 23 20.43 9.58 4.80
C ALA C 23 19.23 10.47 5.08
N ALA C 24 19.40 11.52 5.89
CA ALA C 24 18.27 12.39 6.22
C ALA C 24 17.73 13.07 4.99
N GLN C 25 18.61 13.49 4.08
CA GLN C 25 18.13 14.14 2.86
C GLN C 25 17.42 13.14 1.95
N VAL C 26 17.94 11.91 1.88
CA VAL C 26 17.31 10.87 1.07
C VAL C 26 15.93 10.54 1.62
N LYS C 27 15.83 10.37 2.94
CA LYS C 27 14.54 10.03 3.54
C LYS C 27 13.52 11.14 3.31
N ASP C 28 13.92 12.39 3.53
CA ASP C 28 13.02 13.51 3.29
C ASP C 28 12.54 13.53 1.85
N ALA C 29 13.44 13.28 0.89
CA ALA C 29 13.06 13.35 -0.51
C ALA C 29 12.12 12.21 -0.88
N LEU C 30 12.40 11.01 -0.36
CA LEU C 30 11.54 9.86 -0.62
C LEU C 30 10.14 10.02 -0.03
N THR C 31 10.06 10.64 1.15
CA THR C 31 8.76 10.91 1.77
C THR C 31 7.95 11.91 0.95
N LYS C 32 8.61 12.89 0.34
CA LYS C 32 7.90 13.78 -0.57
C LYS C 32 7.46 13.06 -1.84
N MET C 33 8.27 12.14 -2.35
CA MET C 33 7.84 11.34 -3.50
C MET C 33 6.63 10.48 -3.17
N ARG C 34 6.64 9.85 -1.99
CA ARG C 34 5.50 9.01 -1.61
C ARG C 34 4.21 9.81 -1.56
N ALA C 35 4.27 11.02 -0.98
CA ALA C 35 3.09 11.87 -0.92
C ALA C 35 2.60 12.22 -2.32
N ALA C 36 3.53 12.54 -3.22
CA ALA C 36 3.16 12.90 -4.58
C ALA C 36 2.57 11.71 -5.34
N ALA C 37 3.11 10.51 -5.13
CA ALA C 37 2.57 9.33 -5.80
C ALA C 37 1.17 9.00 -5.31
N LEU C 38 0.93 9.10 -4.01
CA LEU C 38 -0.41 8.88 -3.47
C LEU C 38 -1.40 9.89 -4.03
N ASP C 39 -1.03 11.16 -4.05
CA ASP C 39 -1.92 12.19 -4.57
C ASP C 39 -2.18 12.00 -6.07
N ALA C 40 -1.20 11.48 -6.81
CA ALA C 40 -1.38 11.24 -8.23
C ALA C 40 -2.39 10.13 -8.50
N LYS C 41 -2.61 9.23 -7.54
CA LYS C 41 -3.50 8.10 -7.76
C LYS C 41 -4.92 8.54 -8.04
N LYS C 42 -5.35 9.68 -7.49
CA LYS C 42 -6.71 10.15 -7.71
CA LYS C 42 -6.71 10.16 -7.71
C LYS C 42 -6.89 10.89 -9.03
N ALA C 43 -5.82 11.07 -9.79
CA ALA C 43 -5.86 11.85 -11.01
C ALA C 43 -6.28 11.02 -12.23
N THR C 44 -6.79 11.71 -13.24
CA THR C 44 -7.04 11.12 -14.55
C THR C 44 -6.04 11.71 -15.54
N PRO C 45 -5.17 10.91 -16.15
CA PRO C 45 -4.25 11.45 -17.16
C PRO C 45 -5.04 12.00 -18.34
N PRO C 46 -4.47 12.97 -19.06
CA PRO C 46 -5.21 13.57 -20.18
C PRO C 46 -5.66 12.58 -21.24
N LYS C 47 -4.83 11.59 -21.58
CA LYS C 47 -5.19 10.63 -22.62
C LYS C 47 -6.33 9.70 -22.21
N LEU C 48 -6.72 9.71 -20.94
CA LEU C 48 -7.80 8.86 -20.43
C LEU C 48 -8.96 9.68 -19.87
N GLU C 49 -9.05 10.97 -20.22
CA GLU C 49 -10.03 11.84 -19.58
C GLU C 49 -11.47 11.40 -19.88
N ASP C 50 -11.72 10.82 -21.05
CA ASP C 50 -13.08 10.41 -21.42
C ASP C 50 -13.43 8.99 -20.98
N LYS C 51 -12.49 8.23 -20.43
CA LYS C 51 -12.74 6.86 -20.04
C LYS C 51 -13.32 6.79 -18.62
N SER C 52 -13.91 5.64 -18.31
CA SER C 52 -14.44 5.44 -16.96
C SER C 52 -13.30 5.50 -15.95
N PRO C 53 -13.51 6.14 -14.79
CA PRO C 53 -12.53 5.98 -13.70
C PRO C 53 -12.24 4.55 -13.35
N ALA C 54 -13.14 3.63 -13.70
CA ALA C 54 -12.98 2.22 -13.41
C ALA C 54 -12.64 1.39 -14.64
N SER C 55 -12.25 2.04 -15.75
CA SER C 55 -11.79 1.32 -16.92
C SER C 55 -10.53 0.52 -16.60
N PRO C 56 -10.23 -0.51 -17.38
CA PRO C 56 -9.01 -1.28 -17.15
C PRO C 56 -7.75 -0.43 -17.27
N GLU C 57 -7.76 0.59 -18.12
CA GLU C 57 -6.62 1.50 -18.23
C GLU C 57 -6.45 2.31 -16.96
N MET C 58 -7.56 2.77 -16.37
CA MET C 58 -7.45 3.57 -15.16
C MET C 58 -7.07 2.73 -13.94
N ILE C 59 -7.56 1.48 -13.87
CA ILE C 59 -7.16 0.61 -12.77
C ILE C 59 -5.67 0.27 -12.89
N ASP C 60 -5.21 0.06 -14.13
CA ASP C 60 -3.79 -0.20 -14.38
C ASP C 60 -2.92 0.99 -14.00
N PHE C 61 -3.36 2.19 -14.38
CA PHE C 61 -2.71 3.44 -13.99
C PHE C 61 -2.52 3.52 -12.47
N ARG C 62 -3.58 3.20 -11.72
CA ARG C 62 -3.48 3.32 -10.27
C ARG C 62 -2.58 2.25 -9.67
N VAL C 63 -2.62 1.03 -10.23
CA VAL C 63 -1.69 0.00 -9.77
C VAL C 63 -0.25 0.42 -10.06
N GLY C 64 -0.01 1.13 -11.15
CA GLY C 64 1.31 1.68 -11.42
C GLY C 64 1.87 2.48 -10.26
N PHE C 65 1.02 3.27 -9.60
CA PHE C 65 1.48 4.04 -8.44
C PHE C 65 1.68 3.17 -7.21
N ASP C 66 0.88 2.11 -7.04
CA ASP C 66 1.14 1.15 -5.97
C ASP C 66 2.49 0.48 -6.15
N ILE C 67 2.84 0.11 -7.38
CA ILE C 67 4.16 -0.45 -7.64
C ILE C 67 5.24 0.54 -7.22
N LEU C 68 5.07 1.80 -7.64
CA LEU C 68 6.05 2.83 -7.31
C LEU C 68 6.15 3.04 -5.80
N LEU C 69 5.02 3.00 -5.11
CA LEU C 69 5.02 3.20 -3.66
C LEU C 69 5.80 2.10 -2.94
N TRP C 70 5.67 0.84 -3.38
CA TRP C 70 6.46 -0.23 -2.73
C TRP C 70 7.95 -0.11 -3.04
N GLN C 71 8.31 0.37 -4.23
CA GLN C 71 9.71 0.65 -4.52
C GLN C 71 10.23 1.81 -3.67
N ILE C 72 9.42 2.85 -3.48
CA ILE C 72 9.81 3.94 -2.58
C ILE C 72 10.01 3.42 -1.16
N HIS C 73 9.11 2.53 -0.73
CA HIS C 73 9.23 1.89 0.58
C HIS C 73 10.59 1.21 0.74
N ASP C 74 11.02 0.46 -0.26
CA ASP C 74 12.31 -0.24 -0.15
C ASP C 74 13.45 0.76 0.05
N ALA C 75 13.47 1.82 -0.77
CA ALA C 75 14.52 2.84 -0.65
C ALA C 75 14.46 3.53 0.71
N LEU C 76 13.25 3.80 1.20
CA LEU C 76 13.10 4.50 2.47
C LEU C 76 13.71 3.70 3.61
N HIS C 77 13.47 2.38 3.62
CA HIS C 77 14.03 1.57 4.70
C HIS C 77 15.53 1.38 4.54
N LEU C 78 16.01 1.27 3.31
CA LEU C 78 17.46 1.23 3.12
C LEU C 78 18.09 2.50 3.68
N ALA C 79 17.50 3.66 3.39
CA ALA C 79 18.01 4.91 3.94
C ALA C 79 17.91 4.92 5.45
N ASN C 80 16.83 4.36 6.00
CA ASN C 80 16.66 4.32 7.45
C ASN C 80 17.77 3.51 8.12
N GLU C 81 18.23 2.45 7.46
CA GLU C 81 19.33 1.65 8.01
C GLU C 81 20.69 2.30 7.80
N GLY C 82 20.75 3.46 7.15
CA GLY C 82 21.99 4.13 6.87
C GLY C 82 22.69 3.68 5.61
N LYS C 83 22.08 2.82 4.81
CA LYS C 83 22.67 2.36 3.55
C LYS C 83 22.30 3.36 2.47
N VAL C 84 23.04 4.48 2.46
CA VAL C 84 22.67 5.61 1.62
C VAL C 84 22.90 5.29 0.14
N LYS C 85 24.06 4.71 -0.17
CA LYS C 85 24.32 4.38 -1.57
C LYS C 85 23.33 3.33 -2.07
N GLU C 86 22.95 2.37 -1.20
CA GLU C 86 21.95 1.40 -1.62
C GLU C 86 20.59 2.07 -1.84
N ALA C 87 20.21 2.98 -0.95
CA ALA C 87 18.95 3.70 -1.14
C ALA C 87 18.95 4.50 -2.43
N GLN C 88 20.07 5.15 -2.75
CA GLN C 88 20.17 5.90 -3.99
C GLN C 88 20.06 4.98 -5.21
N ALA C 89 20.67 3.79 -5.14
CA ALA C 89 20.54 2.85 -6.24
C ALA C 89 19.10 2.36 -6.38
N ALA C 90 18.44 2.08 -5.26
CA ALA C 90 17.02 1.72 -5.30
C ALA C 90 16.18 2.86 -5.86
N ALA C 91 16.50 4.11 -5.49
CA ALA C 91 15.79 5.23 -6.09
C ALA C 91 15.98 5.24 -7.61
N GLU C 92 17.16 4.85 -8.09
CA GLU C 92 17.41 4.85 -9.52
C GLU C 92 16.54 3.82 -10.26
N GLN C 93 16.26 2.66 -9.64
CA GLN C 93 15.41 1.67 -10.28
CA GLN C 93 15.41 1.66 -10.27
C GLN C 93 13.95 2.09 -10.34
N LEU C 94 13.57 3.17 -9.65
CA LEU C 94 12.22 3.71 -9.83
C LEU C 94 11.98 4.08 -11.28
N LYS C 95 13.03 4.52 -11.98
CA LYS C 95 12.85 5.04 -13.34
C LYS C 95 12.26 3.99 -14.26
N THR C 96 12.57 2.71 -14.04
CA THR C 96 11.92 1.64 -14.82
C THR C 96 10.41 1.78 -14.77
N THR C 97 9.87 2.11 -13.59
CA THR C 97 8.42 2.22 -13.42
C THR C 97 7.90 3.54 -13.95
N CYS C 98 8.61 4.65 -13.69
CA CYS C 98 8.24 5.92 -14.31
C CYS C 98 8.09 5.76 -15.82
N ASN C 99 9.10 5.18 -16.48
CA ASN C 99 9.07 5.04 -17.92
C ASN C 99 7.95 4.11 -18.38
N ALA C 100 7.77 2.99 -17.69
CA ALA C 100 6.75 2.03 -18.09
C ALA C 100 5.36 2.67 -18.11
N CYS C 101 5.05 3.50 -17.11
CA CYS C 101 3.77 4.19 -17.12
C CYS C 101 3.72 5.24 -18.22
N HIS C 102 4.79 6.03 -18.36
CA HIS C 102 4.81 7.06 -19.39
C HIS C 102 4.57 6.47 -20.77
N GLN C 103 5.23 5.35 -21.08
CA GLN C 103 5.06 4.72 -22.37
C GLN C 103 3.59 4.45 -22.69
N LYS C 104 2.80 4.09 -21.68
CA LYS C 104 1.38 3.73 -21.86
C LYS C 104 0.44 4.92 -21.83
N TYR C 105 0.67 5.90 -20.94
CA TYR C 105 -0.40 6.83 -20.60
C TYR C 105 -0.05 8.31 -20.68
N ARG C 106 1.17 8.67 -21.07
CA ARG C 106 1.51 10.10 -21.07
C ARG C 106 1.13 10.79 -22.39
FE HEC D . -5.34 -17.32 -5.48
CHA HEC D . -6.47 -19.20 -8.12
CHB HEC D . -2.76 -19.61 -4.98
CHC HEC D . -4.20 -15.48 -2.84
CHD HEC D . -7.87 -15.04 -5.94
NA HEC D . -4.73 -19.10 -6.38
C1A HEC D . -5.34 -19.67 -7.47
C2A HEC D . -4.56 -20.85 -7.84
C3A HEC D . -3.55 -20.97 -6.97
C4A HEC D . -3.63 -19.86 -6.03
CMA HEC D . -2.44 -22.05 -6.94
CAA HEC D . -4.90 -21.78 -9.04
CBA HEC D . -4.95 -20.99 -10.35
CGA HEC D . -5.13 -21.99 -11.47
O1A HEC D . -4.09 -22.44 -12.03
O2A HEC D . -6.29 -22.38 -11.75
NB HEC D . -3.84 -17.52 -4.20
C1B HEC D . -2.87 -18.53 -4.14
C2B HEC D . -1.99 -18.24 -3.02
C3B HEC D . -2.42 -17.12 -2.41
C4B HEC D . -3.54 -16.65 -3.16
CMB HEC D . -0.79 -19.12 -2.58
CAB HEC D . -1.82 -16.36 -1.19
CBB HEC D . -0.51 -16.43 -0.88
NC HEC D . -5.93 -15.60 -4.57
C1C HEC D . -5.29 -14.98 -3.51
C2C HEC D . -6.03 -13.78 -3.17
C3C HEC D . -7.06 -13.66 -4.01
C4C HEC D . -7.01 -14.80 -4.91
CMC HEC D . -5.61 -12.84 -2.01
CAC HEC D . -8.16 -12.55 -4.10
CBC HEC D . -7.93 -11.39 -3.42
ND HEC D . -6.81 -17.12 -6.78
C1D HEC D . -7.79 -16.13 -6.79
C2D HEC D . -8.75 -16.45 -7.82
C3D HEC D . -8.37 -17.58 -8.41
C4D HEC D . -7.16 -18.05 -7.78
CMD HEC D . -10.00 -15.59 -8.16
CAD HEC D . -9.10 -18.30 -9.58
CBD HEC D . -8.31 -18.00 -10.84
CGD HEC D . -8.95 -18.66 -12.05
O1D HEC D . -8.72 -18.16 -13.18
O2D HEC D . -9.68 -19.67 -11.88
C1 MPD E . -6.87 -23.74 -6.28
C2 MPD E . -8.02 -23.15 -5.48
O2 MPD E . -8.18 -21.74 -5.78
CM MPD E . -7.67 -23.31 -4.02
C3 MPD E . -9.31 -23.92 -5.79
C4 MPD E . -10.30 -23.98 -4.63
O4 MPD E . -10.65 -22.67 -4.24
C5 MPD E . -11.58 -24.68 -5.08
H11 MPD E . -6.93 -24.84 -6.25
H12 MPD E . -5.92 -23.44 -5.83
H13 MPD E . -6.92 -23.40 -7.30
HO2 MPD E . -8.81 -21.34 -5.14
HM1 MPD E . -7.96 -24.30 -3.67
HM2 MPD E . -8.18 -22.55 -3.43
HM3 MPD E . -6.59 -23.19 -3.89
H31 MPD E . -9.05 -24.94 -6.07
H32 MPD E . -9.79 -23.44 -6.64
H4 MPD E . -9.84 -24.51 -3.80
HO4 MPD E . -11.46 -22.39 -4.73
H51 MPD E . -12.11 -24.06 -5.81
H52 MPD E . -12.23 -24.84 -4.21
H53 MPD E . -11.34 -25.65 -5.53
C1 MPD F . -3.69 -23.21 -4.17
C2 MPD F . -3.73 -23.13 -2.65
O2 MPD F . -2.43 -22.67 -2.27
CM MPD F . -3.92 -24.51 -2.04
C3 MPD F . -4.83 -22.24 -2.15
C4 MPD F . -4.43 -21.34 -0.96
O4 MPD F . -5.06 -21.88 0.20
C5 MPD F . -2.99 -21.02 -0.53
H11 MPD F . -4.15 -24.14 -4.49
H12 MPD F . -2.66 -23.17 -4.51
H13 MPD F . -4.24 -22.37 -4.58
HO2 MPD F . -2.16 -23.10 -1.43
HM1 MPD F . -4.81 -24.97 -2.46
HM2 MPD F . -4.03 -24.42 -0.96
HM3 MPD F . -3.05 -25.13 -2.27
H31 MPD F . -5.67 -22.86 -1.83
H32 MPD F . -5.16 -21.61 -2.97
H4 MPD F . -4.74 -20.38 -1.36
HO4 MPD F . -4.38 -22.33 0.75
H51 MPD F . -2.95 -20.03 -0.08
H52 MPD F . -2.33 -21.05 -1.40
H53 MPD F . -2.66 -21.76 0.19
FE HEC G . -13.70 8.19 9.73
CHA HEC G . -17.06 8.10 10.29
CHB HEC G . -13.10 8.11 13.13
CHC HEC G . -10.35 8.21 9.13
CHD HEC G . -14.27 8.20 6.31
NA HEC G . -14.84 8.11 11.36
C1A HEC G . -16.22 8.10 11.38
C2A HEC G . -16.66 8.01 12.76
C3A HEC G . -15.58 8.01 13.54
C4A HEC G . -14.41 8.09 12.69
CMA HEC G . -15.60 7.93 15.07
CAA HEC G . -18.13 7.94 13.24
CBA HEC G . -18.63 6.51 13.07
CGA HEC G . -20.10 6.40 13.41
O1A HEC G . -20.43 5.73 14.42
O2A HEC G . -20.96 6.94 12.66
NB HEC G . -12.07 8.14 10.92
C1B HEC G . -12.02 8.17 12.29
C2B HEC G . -10.63 8.26 12.69
C3B HEC G . -9.88 8.31 11.57
C4B HEC G . -10.78 8.19 10.44
CMB HEC G . -10.12 8.34 14.15
CAB HEC G . -8.34 8.40 11.41
CBB HEC G . -7.53 7.77 12.30
NC HEC G . -12.53 8.20 8.08
C1C HEC G . -11.15 8.22 8.03
C2C HEC G . -10.71 8.27 6.65
C3C HEC G . -11.81 8.27 5.88
C4C HEC G . -12.97 8.21 6.75
CMC HEC G . -9.25 8.32 6.20
CAC HEC G . -11.89 8.33 4.33
CBC HEC G . -10.79 7.98 3.62
ND HEC G . -15.32 8.15 8.52
C1D HEC G . -15.36 8.16 7.14
C2D HEC G . -16.75 8.11 6.73
C3D HEC G . -17.51 8.08 7.83
C4D HEC G . -16.64 8.10 8.99
CMD HEC G . -17.27 8.10 5.27
CAD HEC G . -19.05 8.03 7.88
CBD HEC G . -19.54 6.63 8.26
CGD HEC G . -21.06 6.56 8.26
O1D HEC G . -21.60 5.46 7.99
O2D HEC G . -21.72 7.60 8.54
S SO4 H . -9.53 1.15 -7.39
O1 SO4 H . -10.68 1.15 -8.29
O2 SO4 H . -8.31 1.36 -8.16
O3 SO4 H . -9.70 2.18 -6.37
O4 SO4 H . -9.41 -0.16 -6.74
C1 MPD I . -6.11 11.89 -1.99
C2 MPD I . -7.13 12.67 -1.15
O2 MPD I . -7.95 13.51 -2.00
CM MPD I . -6.34 13.51 -0.15
C3 MPD I . -8.05 11.71 -0.42
C4 MPD I . -8.71 12.29 0.83
O4 MPD I . -9.22 13.59 0.69
C5 MPD I . -9.88 11.36 1.18
H11 MPD I . -6.23 10.83 -1.81
H12 MPD I . -5.11 12.21 -1.71
H13 MPD I . -6.28 12.11 -3.04
HO2 MPD I . -8.03 14.40 -1.60
HM1 MPD I . -6.08 12.89 0.71
HM2 MPD I . -6.94 14.35 0.17
HM3 MPD I . -5.43 13.86 -0.63
H31 MPD I . -7.48 10.83 -0.13
H32 MPD I . -8.84 11.39 -1.10
H4 MPD I . -7.94 12.36 1.61
HO4 MPD I . -10.11 13.55 0.27
H51 MPD I . -10.75 11.96 1.46
H52 MPD I . -9.60 10.71 2.00
H53 MPD I . -10.13 10.75 0.31
FE HEC J . 5.17 10.68 -14.62
CHA HEC J . 4.17 13.20 -16.69
CHB HEC J . 8.09 12.33 -13.97
CHC HEC J . 6.17 8.13 -12.49
CHD HEC J . 2.26 9.00 -15.21
NA HEC J . 5.99 12.42 -15.24
C1A HEC J . 5.39 13.34 -16.06
C2A HEC J . 6.26 14.50 -16.16
C3A HEC J . 7.34 14.26 -15.41
C4A HEC J . 7.20 12.95 -14.81
CMA HEC J . 8.52 15.24 -15.22
CAA HEC J . 5.96 15.77 -16.98
CBA HEC J . 4.97 16.59 -16.15
CGA HEC J . 4.88 18.01 -16.63
O1A HEC J . 5.00 18.93 -15.77
O2A HEC J . 4.68 18.23 -17.86
NB HEC J . 6.80 10.30 -13.42
C1B HEC J . 7.92 11.10 -13.35
C2B HEC J . 8.90 10.43 -12.51
C3B HEC J . 8.37 9.25 -12.12
C4B HEC J . 7.04 9.16 -12.68
CMB HEC J . 10.31 10.98 -12.17
CAB HEC J . 8.98 8.16 -11.20
CBB HEC J . 9.91 8.48 -10.27
NC HEC J . 4.37 8.92 -13.95
C1C HEC J . 4.96 8.00 -13.12
C2C HEC J . 4.09 6.84 -13.00
C3C HEC J . 3.02 7.07 -13.78
C4C HEC J . 3.17 8.38 -14.38
CMC HEC J . 4.43 5.59 -12.16
CAC HEC J . 1.80 6.14 -13.99
CBC HEC J . 1.60 5.08 -13.19
ND HEC J . 3.52 11.03 -15.75
C1D HEC J . 2.41 10.21 -15.85
C2D HEC J . 1.46 10.86 -16.74
C3D HEC J . 1.99 12.03 -17.15
C4D HEC J . 3.30 12.15 -16.53
CMD HEC J . 0.07 10.31 -17.16
CAD HEC J . 1.36 13.06 -18.10
CBD HEC J . 0.88 14.28 -17.31
CGD HEC J . 0.29 15.31 -18.25
O1D HEC J . -0.66 16.02 -17.83
O2D HEC J . 0.76 15.40 -19.42
#